data_7JP4
#
_entry.id   7JP4
#
_cell.length_a   51.250
_cell.length_b   59.950
_cell.length_c   66.540
_cell.angle_alpha   90.000
_cell.angle_beta   95.060
_cell.angle_gamma   90.000
#
_symmetry.space_group_name_H-M   'P 1 21 1'
#
loop_
_entity.id
_entity.type
_entity.pdbx_description
1 polymer Hemagglutinin
2 non-polymer '3[N-MORPHOLINO]PROPANE SULFONIC ACID'
3 water water
#
_entity_poly.entity_id   1
_entity_poly.type   'polypeptide(L)'
_entity_poly.pdbx_seq_one_letter_code
;MGSSHHHHHHSSGLVPRGSAPLQLGKCNIAGWILGNPECESLLSKRSWSYIAETPNSENGTCYPGDFADYEELREQLSSV
SSFERFEIFPKERSWPKHNITRGVTAACSHAGKSSFYKNLLWLTETNGSYPKLSKSYVNNKEKEVLVLWGVHHPSNIEDQ
KTLYRKENAYVSVVSSNYNRRFTPEIAERPKVRGQAGRMNYYWTLLEPGDTIIFEANGNLIAPWYAFALSR
;
_entity_poly.pdbx_strand_id   A,B
#
# COMPACT_ATOMS: atom_id res chain seq x y z
N ALA A 20 -8.96 -31.81 -6.15
CA ALA A 20 -10.04 -30.83 -5.99
C ALA A 20 -9.48 -29.52 -5.40
N PRO A 21 -10.14 -28.40 -5.68
CA PRO A 21 -9.57 -27.11 -5.29
C PRO A 21 -9.72 -26.85 -3.80
N LEU A 22 -8.85 -25.98 -3.29
CA LEU A 22 -9.04 -25.41 -1.97
C LEU A 22 -9.99 -24.23 -2.09
N GLN A 23 -11.06 -24.25 -1.30
CA GLN A 23 -12.09 -23.21 -1.32
C GLN A 23 -11.83 -22.24 -0.19
N LEU A 24 -11.44 -21.01 -0.54
CA LEU A 24 -11.26 -19.97 0.47
C LEU A 24 -12.52 -19.13 0.68
N GLY A 25 -13.55 -19.32 -0.14
CA GLY A 25 -14.81 -18.62 0.05
C GLY A 25 -14.69 -17.12 -0.09
N LYS A 26 -14.92 -16.37 0.99
CA LYS A 26 -14.84 -14.92 0.92
C LYS A 26 -13.40 -14.41 0.90
N CYS A 27 -12.44 -15.23 1.31
CA CYS A 27 -11.07 -14.79 1.55
C CYS A 27 -10.18 -15.02 0.34
N ASN A 28 -9.03 -14.36 0.37
CA ASN A 28 -7.96 -14.60 -0.60
C ASN A 28 -6.80 -15.27 0.12
N ILE A 29 -5.76 -15.62 -0.63
CA ILE A 29 -4.66 -16.37 -0.03
C ILE A 29 -4.02 -15.59 1.11
N ALA A 30 -3.88 -14.26 0.92
CA ALA A 30 -3.28 -13.42 1.96
C ALA A 30 -4.06 -13.50 3.27
N GLY A 31 -5.39 -13.30 3.20
CA GLY A 31 -6.19 -13.35 4.41
C GLY A 31 -6.22 -14.73 5.03
N TRP A 32 -6.24 -15.77 4.20
CA TRP A 32 -6.23 -17.14 4.72
C TRP A 32 -4.90 -17.46 5.40
N ILE A 33 -3.77 -17.23 4.71
CA ILE A 33 -2.49 -17.71 5.22
C ILE A 33 -1.99 -16.87 6.41
N LEU A 34 -2.36 -15.58 6.45
CA LEU A 34 -2.09 -14.79 7.65
C LEU A 34 -3.06 -15.10 8.79
N GLY A 35 -4.27 -15.57 8.49
CA GLY A 35 -5.24 -15.84 9.54
C GLY A 35 -6.13 -14.65 9.87
N ASN A 36 -6.51 -13.89 8.84
CA ASN A 36 -7.55 -12.87 8.96
C ASN A 36 -8.73 -13.46 9.73
N PRO A 37 -9.16 -12.84 10.83
CA PRO A 37 -10.17 -13.47 11.71
C PRO A 37 -11.45 -13.88 10.97
N GLU A 38 -11.74 -13.21 9.86
CA GLU A 38 -12.87 -13.60 9.01
C GLU A 38 -12.61 -14.87 8.23
N CYS A 39 -11.41 -15.45 8.29
CA CYS A 39 -11.03 -16.58 7.43
C CYS A 39 -10.79 -17.83 8.26
N GLU A 40 -11.26 -18.96 7.74
CA GLU A 40 -11.15 -20.23 8.43
C GLU A 40 -9.69 -20.70 8.43
N SER A 41 -9.23 -21.17 9.58
CA SER A 41 -7.90 -21.78 9.70
C SER A 41 -8.04 -23.28 9.46
N LEU A 42 -7.78 -23.71 8.23
CA LEU A 42 -7.82 -25.13 7.81
C LEU A 42 -8.98 -25.93 8.41
N LYS A 45 -3.73 -32.39 8.35
CA LYS A 45 -3.11 -32.46 7.03
C LYS A 45 -4.15 -32.53 5.91
N ARG A 46 -3.90 -31.84 4.80
CA ARG A 46 -4.73 -31.97 3.62
C ARG A 46 -3.92 -31.55 2.40
N SER A 47 -4.57 -31.58 1.25
CA SER A 47 -3.89 -31.39 -0.02
C SER A 47 -4.91 -30.85 -1.01
N TRP A 48 -4.40 -30.31 -2.12
CA TRP A 48 -5.27 -29.73 -3.12
C TRP A 48 -4.46 -29.48 -4.38
N SER A 49 -5.18 -29.35 -5.50
CA SER A 49 -4.58 -29.20 -6.80
C SER A 49 -4.41 -27.75 -7.22
N TYR A 50 -5.35 -26.89 -6.82
CA TYR A 50 -5.23 -25.45 -6.98
C TYR A 50 -6.13 -24.77 -5.96
N ILE A 51 -5.98 -23.45 -5.85
CA ILE A 51 -6.74 -22.64 -4.91
C ILE A 51 -7.75 -21.82 -5.69
N ALA A 52 -9.00 -21.80 -5.22
CA ALA A 52 -10.05 -20.96 -5.79
C ALA A 52 -10.16 -19.63 -5.03
N ASN A 59 -11.85 -9.96 2.31
CA ASN A 59 -10.96 -10.34 3.39
C ASN A 59 -9.60 -10.76 2.86
N GLY A 60 -8.72 -9.77 2.74
CA GLY A 60 -7.31 -10.00 2.53
C GLY A 60 -6.59 -9.62 3.79
N THR A 61 -5.64 -8.71 3.70
CA THR A 61 -4.91 -8.21 4.87
CA THR A 61 -4.92 -8.22 4.88
C THR A 61 -5.77 -7.16 5.55
N CYS A 62 -6.38 -7.52 6.69
CA CYS A 62 -7.24 -6.55 7.37
C CYS A 62 -6.44 -5.34 7.86
N TYR A 63 -5.13 -5.51 8.10
CA TYR A 63 -4.31 -4.33 8.39
C TYR A 63 -3.55 -3.92 7.13
N PRO A 64 -3.68 -2.68 6.67
CA PRO A 64 -3.03 -2.29 5.42
C PRO A 64 -1.52 -2.45 5.46
N GLY A 65 -0.96 -2.76 4.30
CA GLY A 65 0.47 -2.95 4.18
C GLY A 65 0.80 -3.67 2.88
N ASP A 66 2.09 -3.98 2.72
CA ASP A 66 2.58 -4.70 1.55
C ASP A 66 2.98 -6.12 1.92
N PHE A 67 2.63 -7.07 1.04
CA PHE A 67 2.88 -8.49 1.21
C PHE A 67 4.04 -8.83 0.27
N ALA A 68 5.22 -9.03 0.83
CA ALA A 68 6.39 -9.33 0.03
C ALA A 68 6.22 -10.64 -0.71
N ASP A 69 6.64 -10.68 -1.97
CA ASP A 69 6.64 -11.90 -2.79
C ASP A 69 5.28 -12.58 -2.82
N TYR A 70 4.20 -11.79 -2.94
CA TYR A 70 2.85 -12.34 -2.79
C TYR A 70 2.53 -13.34 -3.89
N GLU A 71 2.84 -13.00 -5.14
CA GLU A 71 2.57 -13.91 -6.25
C GLU A 71 3.43 -15.17 -6.17
N GLU A 72 4.67 -15.06 -5.67
CA GLU A 72 5.46 -16.27 -5.47
C GLU A 72 4.83 -17.15 -4.40
N LEU A 73 4.24 -16.54 -3.37
CA LEU A 73 3.57 -17.32 -2.33
C LEU A 73 2.32 -18.01 -2.87
N ARG A 74 1.54 -17.31 -3.69
CA ARG A 74 0.40 -17.94 -4.35
C ARG A 74 0.86 -19.18 -5.10
N GLU A 75 1.95 -19.06 -5.87
CA GLU A 75 2.45 -20.22 -6.62
C GLU A 75 3.00 -21.28 -5.67
N GLN A 76 3.70 -20.89 -4.61
CA GLN A 76 4.18 -21.83 -3.61
C GLN A 76 3.04 -22.69 -3.07
N LEU A 77 1.88 -22.09 -2.84
CA LEU A 77 0.76 -22.76 -2.20
C LEU A 77 -0.22 -23.38 -3.19
N SER A 78 0.04 -23.26 -4.50
CA SER A 78 -0.96 -23.56 -5.51
C SER A 78 -1.38 -25.03 -5.50
N SER A 79 -0.44 -25.95 -5.27
CA SER A 79 -0.80 -27.36 -5.11
C SER A 79 0.18 -28.02 -4.14
N VAL A 80 -0.37 -28.52 -3.03
CA VAL A 80 0.39 -29.16 -1.96
C VAL A 80 -0.16 -30.57 -1.76
N SER A 81 0.69 -31.46 -1.27
CA SER A 81 0.31 -32.86 -1.04
C SER A 81 0.12 -33.19 0.42
N SER A 82 0.61 -32.36 1.33
CA SER A 82 0.20 -32.40 2.73
C SER A 82 0.48 -31.01 3.28
N PHE A 83 -0.44 -30.52 4.10
CA PHE A 83 -0.41 -29.16 4.60
C PHE A 83 -0.85 -29.22 6.05
N GLU A 84 -0.12 -28.55 6.93
CA GLU A 84 -0.36 -28.64 8.36
C GLU A 84 -0.05 -27.29 8.99
N ARG A 85 -1.00 -26.77 9.75
CA ARG A 85 -0.80 -25.58 10.56
C ARG A 85 -0.35 -26.00 11.95
N PHE A 86 0.75 -25.41 12.43
CA PHE A 86 1.28 -25.80 13.73
C PHE A 86 1.78 -24.57 14.47
N GLU A 87 1.77 -24.66 15.80
CA GLU A 87 2.11 -23.50 16.63
C GLU A 87 3.63 -23.43 16.75
N ILE A 88 4.26 -22.53 15.99
CA ILE A 88 5.72 -22.49 15.95
C ILE A 88 6.28 -21.88 17.24
N PHE A 89 5.65 -20.79 17.70
CA PHE A 89 6.04 -20.07 18.93
C PHE A 89 4.80 -19.93 19.80
N PRO A 90 4.61 -20.81 20.80
CA PRO A 90 3.41 -20.74 21.64
C PRO A 90 3.31 -19.38 22.32
N LYS A 91 2.18 -18.70 22.10
CA LYS A 91 2.04 -17.30 22.46
C LYS A 91 2.25 -17.07 23.96
N GLU A 92 1.67 -17.93 24.80
CA GLU A 92 1.64 -17.68 26.23
C GLU A 92 2.88 -18.17 26.95
N ARG A 93 3.86 -18.73 26.23
CA ARG A 93 5.05 -19.26 26.86
C ARG A 93 6.34 -18.77 26.23
N SER A 94 6.28 -17.90 25.23
CA SER A 94 7.44 -17.57 24.42
C SER A 94 7.99 -16.18 24.64
N TRP A 95 7.23 -15.26 25.24
CA TRP A 95 7.55 -13.85 25.22
C TRP A 95 7.37 -13.25 26.61
N PRO A 96 8.20 -13.67 27.57
CA PRO A 96 7.96 -13.28 28.97
C PRO A 96 8.25 -11.82 29.27
N LYS A 97 9.05 -11.14 28.45
CA LYS A 97 9.44 -9.76 28.70
CA LYS A 97 9.44 -9.76 28.70
C LYS A 97 8.72 -8.78 27.78
N HIS A 98 7.64 -9.22 27.15
CA HIS A 98 6.88 -8.39 26.22
C HIS A 98 5.39 -8.59 26.44
N ASN A 99 4.62 -7.62 25.98
CA ASN A 99 3.16 -7.66 26.10
C ASN A 99 2.58 -8.45 24.94
N ILE A 100 1.76 -9.45 25.25
CA ILE A 100 1.17 -10.27 24.20
C ILE A 100 -0.34 -10.08 24.10
N THR A 101 -0.92 -9.06 24.75
CA THR A 101 -2.37 -9.00 24.87
C THR A 101 -3.02 -7.72 24.32
N ARG A 102 -2.32 -6.59 24.28
CA ARG A 102 -2.94 -5.37 23.78
C ARG A 102 -2.85 -5.25 22.27
N GLY A 103 -2.09 -6.14 21.62
CA GLY A 103 -1.82 -6.06 20.20
C GLY A 103 -2.98 -6.43 19.31
N VAL A 104 -4.09 -5.69 19.41
CA VAL A 104 -5.26 -5.91 18.56
C VAL A 104 -5.63 -4.58 17.91
N THR A 105 -6.42 -4.67 16.83
CA THR A 105 -6.72 -3.47 16.06
C THR A 105 -8.15 -3.52 15.53
N ALA A 106 -8.77 -2.34 15.52
CA ALA A 106 -10.08 -2.16 14.90
C ALA A 106 -10.07 -2.51 13.42
N ALA A 107 -8.90 -2.49 12.76
CA ALA A 107 -8.85 -2.88 11.36
C ALA A 107 -9.12 -4.36 11.18
N CYS A 108 -8.86 -5.17 12.21
CA CYS A 108 -9.06 -6.62 12.14
C CYS A 108 -10.12 -7.05 13.14
N SER A 109 -11.27 -6.39 13.11
CA SER A 109 -12.25 -6.61 14.17
C SER A 109 -12.99 -7.92 13.97
N HIS A 110 -13.43 -8.50 15.07
CA HIS A 110 -14.10 -9.80 15.06
C HIS A 110 -14.98 -9.90 16.29
N ALA A 111 -16.19 -10.40 16.11
CA ALA A 111 -17.20 -10.45 17.18
C ALA A 111 -17.51 -9.05 17.71
N GLY A 112 -17.48 -8.06 16.82
CA GLY A 112 -17.68 -6.68 17.19
C GLY A 112 -16.60 -6.12 18.11
N LYS A 113 -15.47 -6.83 18.21
CA LYS A 113 -14.38 -6.40 19.06
C LYS A 113 -13.08 -6.41 18.26
N SER A 114 -12.15 -5.56 18.67
CA SER A 114 -10.85 -5.51 18.02
C SER A 114 -10.16 -6.86 18.13
N SER A 115 -9.38 -7.23 17.12
CA SER A 115 -8.72 -8.52 17.11
C SER A 115 -7.49 -8.42 16.22
N PHE A 116 -7.01 -9.56 15.74
CA PHE A 116 -5.75 -9.60 14.99
C PHE A 116 -5.68 -10.92 14.23
N TYR A 117 -4.71 -10.99 13.31
CA TYR A 117 -4.43 -12.24 12.61
C TYR A 117 -4.20 -13.36 13.61
N LYS A 118 -4.79 -14.51 13.32
CA LYS A 118 -4.68 -15.70 14.17
C LYS A 118 -3.34 -16.40 14.04
N ASN A 119 -2.53 -16.06 13.05
CA ASN A 119 -1.26 -16.75 12.89
C ASN A 119 -0.05 -15.92 13.31
N LEU A 120 -0.27 -14.65 13.68
CA LEU A 120 0.81 -13.73 14.04
C LEU A 120 0.57 -13.19 15.44
N LEU A 121 1.56 -12.50 15.98
CA LEU A 121 1.45 -11.95 17.33
C LEU A 121 2.03 -10.53 17.36
N TRP A 122 1.20 -9.56 17.73
CA TRP A 122 1.61 -8.14 17.77
C TRP A 122 2.21 -7.86 19.15
N LEU A 123 3.53 -8.01 19.27
CA LEU A 123 4.24 -7.74 20.51
C LEU A 123 4.39 -6.24 20.75
N THR A 124 4.22 -5.83 22.01
CA THR A 124 4.39 -4.44 22.39
C THR A 124 5.13 -4.41 23.74
N GLU A 125 5.48 -3.21 24.19
CA GLU A 125 6.25 -3.07 25.41
C GLU A 125 5.46 -3.59 26.61
N THR A 126 6.18 -3.99 27.65
CA THR A 126 5.58 -4.20 28.96
C THR A 126 6.47 -3.57 30.02
N ASN A 127 5.84 -3.07 31.09
CA ASN A 127 6.53 -2.44 32.21
C ASN A 127 7.40 -1.25 31.79
N GLY A 128 7.10 -0.65 30.63
CA GLY A 128 7.82 0.51 30.15
C GLY A 128 9.00 0.23 29.24
N SER A 129 9.22 -1.03 28.87
CA SER A 129 10.40 -1.45 28.11
C SER A 129 9.99 -2.45 27.03
N TYR A 130 10.69 -2.40 25.90
CA TYR A 130 10.65 -3.42 24.85
C TYR A 130 12.09 -3.91 24.72
N PRO A 131 12.50 -4.87 25.53
CA PRO A 131 13.88 -5.35 25.46
C PRO A 131 14.15 -6.05 24.15
N LYS A 132 15.44 -6.21 23.82
CA LYS A 132 15.81 -6.96 22.63
C LYS A 132 15.40 -8.42 22.79
N LEU A 133 14.67 -8.95 21.82
CA LEU A 133 14.27 -10.36 21.85
C LEU A 133 15.12 -11.16 20.87
N SER A 134 15.28 -12.45 21.17
CA SER A 134 16.03 -13.35 20.30
C SER A 134 15.38 -14.72 20.37
N LYS A 135 14.82 -15.16 19.24
CA LYS A 135 13.99 -16.35 19.22
C LYS A 135 14.34 -17.18 17.99
N SER A 136 14.61 -18.47 18.19
CA SER A 136 14.99 -19.34 17.09
C SER A 136 14.10 -20.58 17.02
N TYR A 137 13.90 -21.07 15.80
CA TYR A 137 13.16 -22.29 15.52
C TYR A 137 13.96 -23.11 14.52
N VAL A 138 14.15 -24.40 14.83
CA VAL A 138 14.75 -25.36 13.89
C VAL A 138 13.63 -26.23 13.34
N ASN A 139 13.57 -26.33 12.01
CA ASN A 139 12.61 -27.24 11.40
C ASN A 139 13.03 -28.69 11.68
N ASN A 140 12.49 -29.30 12.74
CA ASN A 140 12.83 -30.68 13.07
C ASN A 140 11.97 -31.70 12.34
N LYS A 141 11.14 -31.27 11.36
CA LYS A 141 10.24 -32.16 10.65
C LYS A 141 10.92 -32.73 9.41
N GLU A 142 10.25 -33.66 8.73
CA GLU A 142 10.79 -34.21 7.49
C GLU A 142 10.18 -33.56 6.25
N LYS A 143 9.57 -32.38 6.40
CA LYS A 143 9.07 -31.63 5.25
C LYS A 143 9.35 -30.16 5.46
N GLU A 144 9.09 -29.36 4.41
CA GLU A 144 9.35 -27.93 4.47
CA GLU A 144 9.32 -27.91 4.44
C GLU A 144 8.41 -27.25 5.47
N VAL A 145 8.88 -26.12 6.02
CA VAL A 145 8.10 -25.29 6.92
C VAL A 145 8.04 -23.89 6.32
N LEU A 146 6.84 -23.38 6.16
CA LEU A 146 6.60 -22.00 5.73
C LEU A 146 6.38 -21.12 6.96
N VAL A 147 7.24 -20.11 7.14
CA VAL A 147 7.17 -19.17 8.27
C VAL A 147 6.79 -17.79 7.73
N LEU A 148 5.81 -17.16 8.37
CA LEU A 148 5.39 -15.81 8.00
C LEU A 148 5.54 -14.87 9.19
N TRP A 149 5.94 -13.63 8.93
CA TRP A 149 5.95 -12.64 9.98
C TRP A 149 5.62 -11.28 9.39
N GLY A 150 5.64 -10.25 10.25
CA GLY A 150 5.39 -8.89 9.80
C GLY A 150 6.27 -7.89 10.53
N VAL A 151 6.29 -6.67 9.98
CA VAL A 151 6.93 -5.52 10.60
C VAL A 151 5.92 -4.37 10.62
N HIS A 152 5.70 -3.77 11.78
CA HIS A 152 4.78 -2.65 11.93
C HIS A 152 5.45 -1.32 11.62
N HIS A 153 4.80 -0.50 10.80
CA HIS A 153 5.30 0.84 10.48
C HIS A 153 4.31 1.88 10.98
N PRO A 154 4.52 2.46 12.16
CA PRO A 154 3.63 3.51 12.65
C PRO A 154 3.62 4.70 11.70
N SER A 155 2.56 5.50 11.82
CA SER A 155 2.48 6.73 11.04
C SER A 155 3.24 7.88 11.68
N ASN A 156 3.56 7.80 12.97
CA ASN A 156 4.23 8.92 13.62
C ASN A 156 5.11 8.40 14.74
N ILE A 157 6.02 9.26 15.20
CA ILE A 157 7.05 8.87 16.15
C ILE A 157 6.50 8.71 17.56
N GLU A 158 5.39 9.36 17.89
CA GLU A 158 4.81 9.23 19.21
C GLU A 158 4.23 7.83 19.42
N ASP A 159 3.54 7.30 18.40
CA ASP A 159 3.00 5.95 18.48
C ASP A 159 4.12 4.91 18.52
N GLN A 160 5.20 5.14 17.77
CA GLN A 160 6.38 4.28 17.83
C GLN A 160 6.93 4.18 19.26
N LYS A 161 7.06 5.33 19.93
CA LYS A 161 7.58 5.32 21.30
C LYS A 161 6.60 4.68 22.26
N THR A 162 5.30 4.93 22.06
CA THR A 162 4.30 4.36 22.95
C THR A 162 4.37 2.84 22.95
N LEU A 163 4.50 2.23 21.77
CA LEU A 163 4.45 0.79 21.60
C LEU A 163 5.80 0.11 21.84
N TYR A 164 6.89 0.74 21.43
CA TYR A 164 8.19 0.09 21.37
C TYR A 164 9.26 0.81 22.19
N ARG A 165 8.91 1.94 22.83
CA ARG A 165 9.76 2.63 23.81
C ARG A 165 11.10 3.08 23.25
N LYS A 166 11.16 3.32 21.93
CA LYS A 166 12.36 3.83 21.28
C LYS A 166 11.97 4.26 19.88
N GLU A 167 12.63 5.30 19.39
CA GLU A 167 12.32 5.79 18.05
C GLU A 167 12.98 4.95 16.98
N ASN A 168 14.15 4.38 17.26
CA ASN A 168 14.93 3.59 16.29
C ASN A 168 14.92 2.14 16.73
N ALA A 169 14.26 1.28 15.96
CA ALA A 169 14.19 -0.14 16.24
C ALA A 169 14.58 -0.91 14.99
N TYR A 170 14.84 -2.19 15.17
CA TYR A 170 15.14 -3.05 14.03
C TYR A 170 14.49 -4.40 14.25
N VAL A 171 14.27 -5.09 13.15
CA VAL A 171 13.84 -6.49 13.13
C VAL A 171 14.85 -7.23 12.26
N SER A 172 15.46 -8.27 12.82
CA SER A 172 16.46 -9.08 12.14
C SER A 172 15.91 -10.50 11.98
N VAL A 173 15.95 -11.02 10.76
CA VAL A 173 15.50 -12.38 10.46
C VAL A 173 16.59 -13.09 9.65
N VAL A 174 17.15 -14.18 10.19
CA VAL A 174 18.25 -14.89 9.54
C VAL A 174 17.95 -16.39 9.53
N SER A 175 18.15 -17.02 8.37
CA SER A 175 18.17 -18.48 8.27
C SER A 175 19.38 -18.88 7.46
N SER A 176 19.53 -20.15 7.11
CA SER A 176 20.70 -20.55 6.34
C SER A 176 20.78 -19.86 4.98
N ASN A 177 19.64 -19.40 4.43
CA ASN A 177 19.70 -18.81 3.10
C ASN A 177 18.87 -17.52 3.00
N TYR A 178 18.54 -16.90 4.13
CA TYR A 178 17.76 -15.67 4.16
C TYR A 178 18.35 -14.76 5.22
N ASN A 179 18.62 -13.51 4.87
CA ASN A 179 19.18 -12.56 5.84
C ASN A 179 18.66 -11.16 5.51
N ARG A 180 17.79 -10.63 6.37
CA ARG A 180 17.29 -9.27 6.17
C ARG A 180 17.20 -8.56 7.51
N ARG A 181 17.42 -7.25 7.46
CA ARG A 181 17.25 -6.36 8.60
C ARG A 181 16.25 -5.29 8.20
N PHE A 182 15.13 -5.20 8.92
CA PHE A 182 14.05 -4.31 8.57
C PHE A 182 14.05 -3.09 9.48
N THR A 183 13.89 -1.93 8.87
CA THR A 183 13.81 -0.66 9.55
C THR A 183 12.39 -0.13 9.49
N PRO A 184 11.78 0.20 10.63
CA PRO A 184 10.46 0.84 10.59
C PRO A 184 10.48 2.12 9.77
N GLU A 185 9.58 2.19 8.79
CA GLU A 185 9.36 3.39 8.00
C GLU A 185 8.23 4.17 8.68
N ILE A 186 8.57 5.25 9.34
CA ILE A 186 7.61 6.09 10.04
C ILE A 186 7.31 7.28 9.14
N ALA A 187 6.04 7.44 8.74
CA ALA A 187 5.68 8.52 7.85
C ALA A 187 4.17 8.73 7.89
N GLU A 188 3.75 9.98 7.73
CA GLU A 188 2.33 10.30 7.65
C GLU A 188 1.77 9.80 6.33
N ARG A 189 0.68 9.06 6.39
CA ARG A 189 0.13 8.35 5.25
C ARG A 189 -1.38 8.49 5.26
N PRO A 190 -2.03 8.34 4.10
CA PRO A 190 -3.49 8.35 4.07
C PRO A 190 -4.06 7.23 4.93
N LYS A 191 -5.26 7.47 5.48
CA LYS A 191 -5.97 6.41 6.18
C LYS A 191 -6.46 5.41 5.16
N VAL A 192 -6.08 4.14 5.34
CA VAL A 192 -6.59 3.05 4.53
C VAL A 192 -7.27 2.09 5.49
N ARG A 193 -8.55 1.82 5.26
CA ARG A 193 -9.37 1.02 6.17
C ARG A 193 -9.28 1.58 7.60
N GLY A 194 -9.22 2.91 7.69
CA GLY A 194 -9.16 3.61 8.95
C GLY A 194 -7.78 3.78 9.56
N GLN A 195 -6.74 3.19 8.98
CA GLN A 195 -5.41 3.17 9.59
C GLN A 195 -4.42 4.04 8.81
N ALA A 196 -3.64 4.84 9.54
CA ALA A 196 -2.50 5.55 8.97
C ALA A 196 -1.20 4.74 9.06
N GLY A 197 -1.08 3.82 10.03
CA GLY A 197 0.08 2.95 10.07
C GLY A 197 0.01 1.87 9.01
N ARG A 198 1.12 1.14 8.87
CA ARG A 198 1.13 0.00 7.95
C ARG A 198 1.82 -1.18 8.61
N MET A 199 1.66 -2.35 7.96
CA MET A 199 2.25 -3.61 8.40
C MET A 199 2.69 -4.34 7.14
N ASN A 200 3.99 -4.57 6.98
CA ASN A 200 4.44 -5.33 5.84
C ASN A 200 4.51 -6.80 6.24
N TYR A 201 4.27 -7.69 5.27
CA TYR A 201 4.27 -9.13 5.54
C TYR A 201 5.36 -9.82 4.73
N TYR A 202 6.02 -10.79 5.37
CA TYR A 202 7.19 -11.45 4.81
C TYR A 202 7.13 -12.94 5.11
N TRP A 203 7.90 -13.70 4.34
CA TRP A 203 7.92 -15.15 4.55
C TRP A 203 9.20 -15.72 3.99
N THR A 204 9.53 -16.92 4.47
CA THR A 204 10.60 -17.72 3.92
C THR A 204 10.28 -19.19 4.19
N LEU A 205 11.01 -20.07 3.52
CA LEU A 205 10.83 -21.51 3.67
C LEU A 205 12.05 -22.11 4.36
N LEU A 206 11.80 -23.11 5.19
CA LEU A 206 12.86 -23.84 5.89
C LEU A 206 12.82 -25.30 5.47
N GLU A 207 13.92 -25.78 4.88
CA GLU A 207 14.01 -27.22 4.69
C GLU A 207 14.25 -27.89 6.04
N PRO A 208 14.02 -29.20 6.12
CA PRO A 208 14.34 -29.92 7.37
C PRO A 208 15.77 -29.63 7.83
N GLY A 209 15.93 -29.31 9.12
CA GLY A 209 17.24 -28.98 9.69
C GLY A 209 17.68 -27.53 9.58
N ASP A 210 16.93 -26.69 8.88
CA ASP A 210 17.27 -25.28 8.83
C ASP A 210 16.71 -24.54 10.04
N THR A 211 17.42 -23.50 10.47
CA THR A 211 17.07 -22.74 11.66
C THR A 211 16.76 -21.30 11.28
N ILE A 212 15.68 -20.75 11.85
CA ILE A 212 15.35 -19.34 11.63
C ILE A 212 15.48 -18.64 12.96
N ILE A 213 16.08 -17.45 12.95
CA ILE A 213 16.35 -16.68 14.14
C ILE A 213 15.73 -15.31 13.97
N PHE A 214 14.88 -14.92 14.91
CA PHE A 214 14.31 -13.58 14.98
C PHE A 214 15.01 -12.76 16.06
N GLU A 215 15.55 -11.62 15.68
CA GLU A 215 16.08 -10.63 16.61
C GLU A 215 15.38 -9.30 16.37
N ALA A 216 15.01 -8.60 17.44
CA ALA A 216 14.25 -7.34 17.29
C ALA A 216 14.22 -6.59 18.60
N ASN A 217 14.21 -5.24 18.53
CA ASN A 217 13.91 -4.43 19.70
C ASN A 217 12.70 -3.53 19.49
N GLY A 218 11.87 -3.87 18.50
CA GLY A 218 10.58 -3.23 18.32
C GLY A 218 9.97 -3.67 17.02
N ASN A 219 8.66 -3.44 16.84
CA ASN A 219 7.97 -3.47 15.56
C ASN A 219 7.79 -4.87 14.97
N LEU A 220 8.30 -5.94 15.60
CA LEU A 220 8.13 -7.29 15.07
C LEU A 220 6.72 -7.80 15.29
N ILE A 221 6.07 -8.26 14.23
CA ILE A 221 4.82 -9.00 14.32
C ILE A 221 5.21 -10.47 14.24
N ALA A 222 5.27 -11.14 15.40
CA ALA A 222 6.00 -12.40 15.49
C ALA A 222 5.17 -13.54 14.92
N PRO A 223 5.84 -14.58 14.39
CA PRO A 223 5.12 -15.81 14.06
C PRO A 223 4.47 -16.38 15.31
N TRP A 224 3.24 -16.87 15.14
CA TRP A 224 2.55 -17.64 16.16
C TRP A 224 2.23 -19.03 15.66
N TYR A 225 1.59 -19.13 14.49
CA TYR A 225 1.42 -20.39 13.80
C TYR A 225 2.18 -20.33 12.48
N ALA A 226 2.76 -21.46 12.10
CA ALA A 226 3.47 -21.65 10.86
C ALA A 226 2.89 -22.87 10.16
N PHE A 227 3.42 -23.19 8.99
CA PHE A 227 2.88 -24.26 8.17
C PHE A 227 3.97 -25.26 7.75
N ALA A 228 3.66 -26.55 7.87
CA ALA A 228 4.51 -27.60 7.31
C ALA A 228 3.80 -28.17 6.09
N LEU A 229 4.53 -28.31 4.98
CA LEU A 229 3.90 -28.72 3.73
C LEU A 229 4.90 -29.49 2.87
N SER A 230 4.35 -30.20 1.88
CA SER A 230 5.12 -30.94 0.90
C SER A 230 4.63 -30.61 -0.50
N ARG A 231 5.50 -30.82 -1.48
CA ARG A 231 5.18 -30.56 -2.87
C ARG A 231 4.58 -31.80 -3.54
N ALA B 20 -30.50 6.83 -12.83
CA ALA B 20 -29.52 6.38 -13.81
C ALA B 20 -28.15 6.17 -13.16
N PRO B 21 -27.92 4.97 -12.63
CA PRO B 21 -26.64 4.70 -11.96
C PRO B 21 -25.46 4.75 -12.92
N LEU B 22 -24.32 5.17 -12.38
CA LEU B 22 -23.05 5.13 -13.11
C LEU B 22 -22.45 3.72 -13.05
N GLN B 23 -22.19 3.13 -14.21
CA GLN B 23 -21.65 1.76 -14.32
C GLN B 23 -20.17 1.80 -14.69
N LEU B 24 -19.31 1.39 -13.77
CA LEU B 24 -17.86 1.43 -14.01
C LEU B 24 -17.31 0.13 -14.61
N GLY B 25 -18.13 -0.90 -14.78
CA GLY B 25 -17.65 -2.13 -15.36
C GLY B 25 -16.65 -2.85 -14.49
N LYS B 26 -15.45 -3.08 -15.01
CA LYS B 26 -14.40 -3.78 -14.27
C LYS B 26 -13.54 -2.84 -13.43
N CYS B 27 -13.85 -1.54 -13.44
CA CYS B 27 -13.08 -0.55 -12.71
C CYS B 27 -13.79 -0.15 -11.42
N ASN B 28 -13.01 0.34 -10.48
CA ASN B 28 -13.55 0.99 -9.29
C ASN B 28 -13.38 2.50 -9.46
N ILE B 29 -13.86 3.26 -8.46
CA ILE B 29 -13.80 4.70 -8.58
C ILE B 29 -12.35 5.18 -8.71
N ALA B 30 -11.41 4.51 -8.05
CA ALA B 30 -10.01 4.92 -8.13
C ALA B 30 -9.52 4.89 -9.57
N GLY B 31 -9.67 3.76 -10.25
CA GLY B 31 -9.17 3.65 -11.61
C GLY B 31 -9.92 4.53 -12.59
N TRP B 32 -11.23 4.69 -12.38
CA TRP B 32 -12.01 5.54 -13.27
C TRP B 32 -11.61 7.02 -13.14
N ILE B 33 -11.57 7.54 -11.91
CA ILE B 33 -11.34 8.97 -11.71
C ILE B 33 -9.89 9.36 -12.04
N LEU B 34 -8.93 8.46 -11.81
CA LEU B 34 -7.55 8.68 -12.20
C LEU B 34 -7.32 8.49 -13.70
N GLY B 35 -8.13 7.65 -14.35
CA GLY B 35 -7.94 7.39 -15.76
C GLY B 35 -7.04 6.20 -16.07
N ASN B 36 -7.08 5.14 -15.26
CA ASN B 36 -6.46 3.85 -15.55
C ASN B 36 -6.74 3.49 -17.01
N PRO B 37 -5.69 3.23 -17.81
CA PRO B 37 -5.92 3.02 -19.26
C PRO B 37 -6.88 1.89 -19.58
N GLU B 38 -7.20 1.03 -18.62
CA GLU B 38 -8.18 -0.01 -18.85
C GLU B 38 -9.61 0.46 -18.61
N CYS B 39 -9.80 1.67 -18.09
CA CYS B 39 -11.13 2.21 -17.82
C CYS B 39 -11.56 3.21 -18.90
N GLU B 40 -12.87 3.39 -19.05
CA GLU B 40 -13.41 4.36 -19.97
C GLU B 40 -13.27 5.77 -19.41
N SER B 41 -12.63 6.65 -20.17
CA SER B 41 -12.43 8.03 -19.77
C SER B 41 -13.61 8.89 -20.19
N LEU B 42 -14.09 9.73 -19.27
CA LEU B 42 -15.28 10.55 -19.47
C LEU B 42 -15.13 11.55 -20.61
N LEU B 43 -15.88 11.37 -21.69
CA LEU B 43 -15.79 12.23 -22.87
C LEU B 43 -17.05 13.06 -23.12
N SER B 44 -18.02 13.00 -22.21
CA SER B 44 -19.20 13.86 -22.33
C SER B 44 -19.74 14.14 -20.93
N LYS B 45 -20.62 15.14 -20.85
CA LYS B 45 -21.24 15.49 -19.58
C LYS B 45 -22.23 14.40 -19.17
N ARG B 46 -22.14 13.99 -17.91
CA ARG B 46 -22.92 12.89 -17.36
C ARG B 46 -23.57 13.34 -16.05
N SER B 47 -24.52 12.54 -15.58
CA SER B 47 -25.05 12.66 -14.24
C SER B 47 -25.52 11.28 -13.79
N TRP B 48 -25.64 11.10 -12.48
CA TRP B 48 -26.07 9.81 -11.97
C TRP B 48 -26.60 9.97 -10.55
N SER B 49 -27.44 9.03 -10.15
CA SER B 49 -28.00 8.99 -8.80
C SER B 49 -27.09 8.27 -7.82
N TYR B 50 -26.40 7.23 -8.26
CA TYR B 50 -25.39 6.58 -7.43
C TYR B 50 -24.43 5.83 -8.34
N ILE B 51 -23.31 5.40 -7.77
CA ILE B 51 -22.28 4.69 -8.50
C ILE B 51 -22.39 3.21 -8.17
N ALA B 52 -22.61 2.38 -9.20
CA ALA B 52 -22.70 0.94 -8.99
C ALA B 52 -21.33 0.39 -8.62
N GLU B 53 -21.27 -0.26 -7.45
CA GLU B 53 -20.03 -0.75 -6.83
C GLU B 53 -19.01 -1.32 -7.82
N ASN B 59 -9.49 -3.32 -11.88
CA ASN B 59 -8.76 -2.15 -12.36
C ASN B 59 -8.94 -0.96 -11.43
N GLY B 60 -7.98 -0.81 -10.52
CA GLY B 60 -7.93 0.35 -9.66
C GLY B 60 -6.69 1.16 -10.01
N THR B 61 -5.90 1.51 -9.00
CA THR B 61 -4.66 2.22 -9.25
C THR B 61 -3.65 1.24 -9.85
N CYS B 62 -3.47 1.30 -11.17
CA CYS B 62 -2.54 0.39 -11.82
C CYS B 62 -1.12 0.56 -11.29
N TYR B 63 -0.79 1.75 -10.79
CA TYR B 63 0.48 1.92 -10.12
C TYR B 63 0.26 1.87 -8.61
N PRO B 64 0.98 1.00 -7.90
CA PRO B 64 0.74 0.82 -6.46
C PRO B 64 0.99 2.09 -5.64
N GLY B 65 0.19 2.26 -4.60
CA GLY B 65 0.26 3.44 -3.77
C GLY B 65 -1.01 3.58 -2.97
N ASP B 66 -1.08 4.67 -2.20
CA ASP B 66 -2.21 4.93 -1.33
C ASP B 66 -3.03 6.11 -1.86
N PHE B 67 -4.34 5.97 -1.81
CA PHE B 67 -5.28 6.97 -2.31
C PHE B 67 -5.85 7.71 -1.11
N ALA B 68 -5.50 8.99 -0.97
CA ALA B 68 -5.87 9.75 0.21
C ALA B 68 -7.36 10.07 0.21
N ASP B 69 -7.97 9.96 1.39
CA ASP B 69 -9.38 10.33 1.57
C ASP B 69 -10.27 9.66 0.54
N TYR B 70 -10.00 8.37 0.28
CA TYR B 70 -10.69 7.66 -0.79
C TYR B 70 -12.17 7.44 -0.46
N GLU B 71 -12.47 7.09 0.79
CA GLU B 71 -13.86 6.92 1.23
C GLU B 71 -14.64 8.21 1.08
N GLU B 72 -14.01 9.34 1.45
CA GLU B 72 -14.64 10.64 1.26
C GLU B 72 -14.90 10.93 -0.21
N LEU B 73 -13.91 10.63 -1.07
CA LEU B 73 -14.07 10.86 -2.50
C LEU B 73 -15.21 10.03 -3.07
N ARG B 74 -15.32 8.77 -2.64
CA ARG B 74 -16.47 7.95 -3.04
C ARG B 74 -17.78 8.66 -2.73
N GLU B 75 -17.91 9.18 -1.51
CA GLU B 75 -19.15 9.86 -1.15
C GLU B 75 -19.30 11.18 -1.89
N GLN B 76 -18.18 11.86 -2.20
CA GLN B 76 -18.23 13.11 -2.95
C GLN B 76 -18.83 12.89 -4.33
N LEU B 77 -18.48 11.79 -4.97
CA LEU B 77 -18.91 11.46 -6.32
C LEU B 77 -20.17 10.62 -6.35
N SER B 78 -20.77 10.36 -5.19
CA SER B 78 -21.86 9.40 -5.09
C SER B 78 -23.05 9.80 -5.96
N SER B 79 -23.49 11.07 -5.88
CA SER B 79 -24.55 11.54 -6.75
C SER B 79 -24.24 12.94 -7.22
N VAL B 80 -24.26 13.13 -8.54
CA VAL B 80 -23.93 14.39 -9.18
C VAL B 80 -25.04 14.75 -10.17
N SER B 81 -25.37 16.03 -10.23
CA SER B 81 -26.31 16.50 -11.23
C SER B 81 -25.60 16.94 -12.51
N SER B 82 -24.29 17.13 -12.45
CA SER B 82 -23.52 17.47 -13.63
C SER B 82 -22.08 17.03 -13.38
N PHE B 83 -21.45 16.54 -14.44
CA PHE B 83 -20.09 16.02 -14.31
C PHE B 83 -19.40 16.16 -15.65
N GLU B 84 -18.28 16.87 -15.68
CA GLU B 84 -17.55 17.02 -16.93
C GLU B 84 -16.05 16.97 -16.67
N ARG B 85 -15.36 16.33 -17.60
CA ARG B 85 -13.92 16.21 -17.61
C ARG B 85 -13.35 17.30 -18.52
N PHE B 86 -12.37 18.04 -18.03
CA PHE B 86 -11.79 19.12 -18.83
C PHE B 86 -10.29 19.19 -18.61
N GLU B 87 -9.59 19.70 -19.61
CA GLU B 87 -8.13 19.71 -19.57
C GLU B 87 -7.66 20.89 -18.74
N ILE B 88 -7.28 20.65 -17.49
CA ILE B 88 -6.93 21.75 -16.58
C ILE B 88 -5.57 22.34 -16.95
N PHE B 89 -4.60 21.48 -17.27
CA PHE B 89 -3.24 21.87 -17.66
C PHE B 89 -2.92 21.18 -18.98
N PRO B 90 -3.02 21.87 -20.11
CA PRO B 90 -2.75 21.22 -21.41
C PRO B 90 -1.34 20.67 -21.46
N LYS B 91 -1.25 19.35 -21.64
CA LYS B 91 0.01 18.65 -21.47
C LYS B 91 1.08 19.17 -22.43
N GLU B 92 0.71 19.47 -23.67
CA GLU B 92 1.70 19.85 -24.66
C GLU B 92 2.05 21.33 -24.65
N ARG B 93 1.41 22.14 -23.80
CA ARG B 93 1.69 23.57 -23.78
C ARG B 93 2.10 24.08 -22.40
N SER B 94 2.05 23.24 -21.36
CA SER B 94 2.15 23.70 -19.98
C SER B 94 3.51 23.52 -19.35
N TRP B 95 4.37 22.66 -19.89
CA TRP B 95 5.55 22.18 -19.17
C TRP B 95 6.81 22.31 -20.03
N PRO B 96 7.20 23.54 -20.37
CA PRO B 96 8.33 23.72 -21.28
C PRO B 96 9.67 23.24 -20.74
N LYS B 97 9.86 23.20 -19.41
CA LYS B 97 11.15 22.87 -18.82
C LYS B 97 11.23 21.44 -18.30
N HIS B 98 10.25 20.59 -18.63
CA HIS B 98 10.22 19.22 -18.14
C HIS B 98 9.86 18.29 -19.28
N ASN B 99 10.22 17.02 -19.10
CA ASN B 99 9.93 15.97 -20.05
C ASN B 99 8.52 15.45 -19.82
N ILE B 100 7.70 15.43 -20.88
CA ILE B 100 6.31 15.01 -20.75
C ILE B 100 6.03 13.69 -21.43
N THR B 101 7.05 13.02 -21.97
CA THR B 101 6.83 11.88 -22.85
C THR B 101 7.27 10.54 -22.27
N ARG B 102 8.31 10.48 -21.45
CA ARG B 102 8.84 9.20 -21.02
C ARG B 102 8.06 8.60 -19.86
N GLY B 103 7.21 9.38 -19.20
CA GLY B 103 6.55 8.98 -17.96
C GLY B 103 5.42 7.99 -18.13
N VAL B 104 5.75 6.84 -18.70
CA VAL B 104 4.83 5.72 -18.84
C VAL B 104 5.40 4.54 -18.04
N THR B 105 4.55 3.54 -17.82
CA THR B 105 4.94 2.44 -16.96
C THR B 105 4.24 1.15 -17.38
N ALA B 106 4.98 0.04 -17.27
CA ALA B 106 4.47 -1.29 -17.53
C ALA B 106 3.33 -1.66 -16.60
N ALA B 107 3.26 -1.03 -15.42
CA ALA B 107 2.18 -1.31 -14.48
C ALA B 107 0.85 -0.74 -14.94
N CYS B 108 0.87 0.25 -15.83
CA CYS B 108 -0.34 0.84 -16.41
C CYS B 108 -0.37 0.58 -17.91
N SER B 109 -0.24 -0.68 -18.31
CA SER B 109 -0.10 -0.96 -19.73
C SER B 109 -1.47 -0.94 -20.42
N HIS B 110 -1.42 -0.91 -21.75
CA HIS B 110 -2.63 -0.84 -22.55
C HIS B 110 -2.31 -1.14 -24.00
N ALA B 111 -3.04 -2.08 -24.59
CA ALA B 111 -2.77 -2.56 -25.95
C ALA B 111 -1.35 -3.10 -26.07
N GLY B 112 -0.82 -3.64 -24.96
CA GLY B 112 0.52 -4.20 -24.98
C GLY B 112 1.64 -3.18 -24.96
N LYS B 113 1.36 -1.94 -24.59
CA LYS B 113 2.39 -0.93 -24.52
C LYS B 113 2.32 -0.23 -23.17
N SER B 114 3.48 0.15 -22.65
CA SER B 114 3.52 0.94 -21.43
C SER B 114 2.68 2.19 -21.60
N SER B 115 2.05 2.62 -20.51
CA SER B 115 1.16 3.76 -20.60
C SER B 115 1.02 4.36 -19.21
N PHE B 116 -0.06 5.11 -19.01
CA PHE B 116 -0.21 5.86 -17.76
C PHE B 116 -1.64 6.37 -17.65
N TYR B 117 -1.99 6.78 -16.44
CA TYR B 117 -3.29 7.41 -16.19
C TYR B 117 -3.58 8.48 -17.22
N LYS B 118 -4.82 8.50 -17.70
CA LYS B 118 -5.22 9.46 -18.73
C LYS B 118 -5.44 10.86 -18.18
N ASN B 119 -5.55 11.01 -16.87
CA ASN B 119 -5.86 12.32 -16.28
C ASN B 119 -4.68 12.93 -15.55
N LEU B 120 -3.54 12.24 -15.47
CA LEU B 120 -2.34 12.74 -14.81
C LEU B 120 -1.17 12.75 -15.80
N LEU B 121 -0.06 13.36 -15.37
CA LEU B 121 1.13 13.47 -16.21
C LEU B 121 2.37 13.26 -15.36
N TRP B 122 3.20 12.27 -15.73
CA TRP B 122 4.42 11.92 -14.99
C TRP B 122 5.56 12.77 -15.53
N LEU B 123 5.76 13.93 -14.93
CA LEU B 123 6.87 14.81 -15.33
C LEU B 123 8.21 14.22 -14.90
N THR B 124 9.20 14.35 -15.76
CA THR B 124 10.56 13.93 -15.44
C THR B 124 11.51 15.01 -15.97
N GLU B 125 12.79 14.83 -15.67
CA GLU B 125 13.79 15.81 -16.03
C GLU B 125 13.96 15.88 -17.54
N THR B 126 14.51 16.99 -18.01
CA THR B 126 14.94 17.11 -19.39
C THR B 126 16.23 17.94 -19.42
N ASN B 127 17.14 17.55 -20.31
CA ASN B 127 18.47 18.17 -20.42
C ASN B 127 19.26 18.07 -19.13
N GLY B 128 19.05 17.00 -18.36
CA GLY B 128 19.83 16.79 -17.16
C GLY B 128 19.38 17.57 -15.94
N SER B 129 18.19 18.15 -15.94
CA SER B 129 17.72 18.86 -14.77
C SER B 129 16.21 18.86 -14.71
N TYR B 130 15.69 18.99 -13.49
CA TYR B 130 14.26 19.11 -13.20
C TYR B 130 14.10 20.44 -12.46
N PRO B 131 13.86 21.54 -13.17
CA PRO B 131 13.78 22.83 -12.49
C PRO B 131 12.54 22.92 -11.60
N LYS B 132 12.62 23.81 -10.60
CA LYS B 132 11.45 24.11 -9.78
C LYS B 132 10.34 24.63 -10.67
N LEU B 133 9.17 24.01 -10.58
CA LEU B 133 8.01 24.46 -11.31
C LEU B 133 7.04 25.16 -10.36
N SER B 134 6.26 26.08 -10.91
CA SER B 134 5.16 26.71 -10.19
C SER B 134 4.01 26.89 -11.15
N LYS B 135 2.89 26.23 -10.88
CA LYS B 135 1.77 26.17 -11.80
C LYS B 135 0.47 26.38 -11.05
N SER B 136 -0.34 27.33 -11.51
CA SER B 136 -1.57 27.68 -10.80
C SER B 136 -2.78 27.62 -11.73
N TYR B 137 -3.94 27.30 -11.14
CA TYR B 137 -5.23 27.23 -11.82
C TYR B 137 -6.26 27.95 -10.98
N VAL B 138 -7.02 28.85 -11.59
CA VAL B 138 -8.14 29.48 -10.89
C VAL B 138 -9.42 28.88 -11.46
N ASN B 139 -10.28 28.40 -10.57
CA ASN B 139 -11.59 27.94 -10.99
C ASN B 139 -12.48 29.11 -11.40
N ASN B 140 -12.50 29.44 -12.69
CA ASN B 140 -13.35 30.52 -13.22
C ASN B 140 -14.74 30.05 -13.62
N LYS B 141 -15.12 28.83 -13.27
CA LYS B 141 -16.44 28.32 -13.60
C LYS B 141 -17.44 28.73 -12.52
N GLU B 142 -18.72 28.38 -12.73
CA GLU B 142 -19.72 28.58 -11.71
C GLU B 142 -20.07 27.28 -10.98
N LYS B 143 -19.21 26.27 -11.07
CA LYS B 143 -19.39 25.04 -10.30
C LYS B 143 -18.05 24.62 -9.69
N GLU B 144 -18.13 23.69 -8.74
CA GLU B 144 -16.93 23.14 -8.10
C GLU B 144 -16.06 22.40 -9.11
N VAL B 145 -14.75 22.44 -8.87
CA VAL B 145 -13.78 21.71 -9.66
C VAL B 145 -13.06 20.73 -8.75
N LEU B 146 -13.03 19.46 -9.14
CA LEU B 146 -12.29 18.43 -8.42
C LEU B 146 -10.91 18.28 -9.07
N VAL B 147 -9.84 18.45 -8.30
CA VAL B 147 -8.47 18.36 -8.82
C VAL B 147 -7.75 17.20 -8.14
N LEU B 148 -7.08 16.36 -8.94
CA LEU B 148 -6.36 15.20 -8.45
C LEU B 148 -4.90 15.28 -8.92
N TRP B 149 -3.99 14.83 -8.07
CA TRP B 149 -2.59 14.76 -8.43
C TRP B 149 -1.97 13.59 -7.67
N GLY B 150 -0.71 13.31 -7.93
CA GLY B 150 -0.01 12.29 -7.20
C GLY B 150 1.40 12.71 -6.84
N VAL B 151 2.07 11.84 -6.07
CA VAL B 151 3.47 12.04 -5.68
C VAL B 151 4.17 10.69 -5.83
N HIS B 152 5.24 10.62 -6.62
CA HIS B 152 5.98 9.38 -6.81
C HIS B 152 6.98 9.18 -5.68
N HIS B 153 7.09 7.93 -5.22
CA HIS B 153 8.04 7.56 -4.17
C HIS B 153 8.93 6.45 -4.72
N PRO B 154 10.09 6.78 -5.27
CA PRO B 154 11.00 5.74 -5.77
C PRO B 154 11.46 4.82 -4.64
N SER B 155 11.94 3.65 -5.03
CA SER B 155 12.43 2.68 -4.05
C SER B 155 13.93 2.84 -3.75
N ASN B 156 14.65 3.63 -4.54
CA ASN B 156 16.08 3.80 -4.30
C ASN B 156 16.52 5.15 -4.84
N ILE B 157 17.67 5.60 -4.34
CA ILE B 157 18.14 6.95 -4.63
C ILE B 157 18.59 7.08 -6.09
N GLU B 158 19.04 5.98 -6.70
CA GLU B 158 19.42 6.00 -8.12
C GLU B 158 18.25 6.45 -8.99
N ASP B 159 17.12 5.73 -8.89
CA ASP B 159 15.93 6.08 -9.67
C ASP B 159 15.52 7.53 -9.42
N GLN B 160 15.57 7.95 -8.15
CA GLN B 160 15.23 9.32 -7.80
C GLN B 160 16.07 10.32 -8.57
N LYS B 161 17.39 10.08 -8.62
CA LYS B 161 18.29 11.01 -9.31
C LYS B 161 18.12 10.90 -10.82
N THR B 162 17.87 9.69 -11.33
CA THR B 162 17.67 9.54 -12.78
C THR B 162 16.47 10.33 -13.27
N LEU B 163 15.38 10.33 -12.51
CA LEU B 163 14.15 10.97 -12.94
C LEU B 163 14.09 12.45 -12.55
N TYR B 164 14.58 12.78 -11.35
CA TYR B 164 14.40 14.11 -10.78
C TYR B 164 15.70 14.88 -10.53
N ARG B 165 16.87 14.26 -10.73
CA ARG B 165 18.16 14.96 -10.77
C ARG B 165 18.53 15.62 -9.43
N LYS B 166 18.05 15.05 -8.32
CA LYS B 166 18.39 15.50 -6.97
C LYS B 166 17.84 14.47 -6.00
N GLU B 167 18.47 14.36 -4.83
CA GLU B 167 18.01 13.40 -3.84
C GLU B 167 16.83 13.91 -3.02
N ASN B 168 16.84 15.18 -2.62
CA ASN B 168 15.83 15.75 -1.74
C ASN B 168 14.97 16.69 -2.58
N ALA B 169 13.77 16.22 -2.93
CA ALA B 169 12.80 17.00 -3.65
C ALA B 169 11.55 17.19 -2.80
N TYR B 170 10.65 18.07 -3.26
CA TYR B 170 9.41 18.32 -2.55
C TYR B 170 8.31 18.65 -3.55
N VAL B 171 7.09 18.46 -3.10
CA VAL B 171 5.89 18.88 -3.82
C VAL B 171 5.05 19.69 -2.85
N SER B 172 4.59 20.83 -3.31
CA SER B 172 3.80 21.74 -2.49
C SER B 172 2.52 22.07 -3.25
N VAL B 173 1.38 21.94 -2.58
CA VAL B 173 0.06 22.20 -3.15
C VAL B 173 -0.71 23.07 -2.18
N VAL B 174 -1.23 24.20 -2.66
CA VAL B 174 -1.85 25.23 -1.81
C VAL B 174 -3.09 25.76 -2.51
N SER B 175 -4.23 25.69 -1.84
CA SER B 175 -5.44 26.41 -2.27
C SER B 175 -5.89 27.29 -1.12
N SER B 176 -7.07 27.92 -1.24
CA SER B 176 -7.51 28.79 -0.16
C SER B 176 -7.71 28.04 1.15
N ASN B 177 -8.00 26.73 1.08
CA ASN B 177 -8.29 25.96 2.28
C ASN B 177 -7.55 24.63 2.33
N TYR B 178 -6.55 24.43 1.48
CA TYR B 178 -5.71 23.24 1.46
C TYR B 178 -4.26 23.68 1.41
N ASN B 179 -3.41 23.07 2.22
CA ASN B 179 -1.99 23.42 2.20
C ASN B 179 -1.19 22.23 2.68
N ARG B 180 -0.41 21.63 1.78
CA ARG B 180 0.36 20.42 2.08
C ARG B 180 1.70 20.49 1.37
N ARG B 181 2.73 19.95 2.03
CA ARG B 181 4.04 19.79 1.44
C ARG B 181 4.43 18.32 1.57
N PHE B 182 4.63 17.65 0.45
CA PHE B 182 4.89 16.22 0.43
C PHE B 182 6.36 16.01 0.18
N THR B 183 6.97 15.12 0.98
CA THR B 183 8.33 14.69 0.79
C THR B 183 8.35 13.27 0.27
N PRO B 184 9.06 13.01 -0.82
CA PRO B 184 9.22 11.62 -1.29
C PRO B 184 9.76 10.70 -0.21
N GLU B 185 9.16 9.53 -0.08
CA GLU B 185 9.65 8.48 0.80
C GLU B 185 10.42 7.49 -0.06
N ILE B 186 11.72 7.43 0.12
CA ILE B 186 12.58 6.55 -0.68
C ILE B 186 13.02 5.41 0.23
N ALA B 187 12.58 4.20 -0.11
CA ALA B 187 12.90 3.04 0.70
C ALA B 187 12.67 1.78 -0.12
N GLU B 188 13.56 0.82 0.05
CA GLU B 188 13.33 -0.51 -0.49
C GLU B 188 12.08 -1.10 0.14
N ARG B 189 11.27 -1.76 -0.67
CA ARG B 189 10.04 -2.36 -0.18
C ARG B 189 9.59 -3.39 -1.22
N PRO B 190 8.65 -4.27 -0.86
CA PRO B 190 8.31 -5.36 -1.78
C PRO B 190 7.78 -4.86 -3.11
N LYS B 191 7.93 -5.70 -4.13
CA LYS B 191 7.34 -5.39 -5.42
C LYS B 191 5.85 -5.71 -5.40
N VAL B 192 5.04 -4.75 -5.84
CA VAL B 192 3.59 -4.91 -5.95
C VAL B 192 3.23 -4.66 -7.40
N ARG B 193 2.55 -5.63 -8.02
CA ARG B 193 2.22 -5.54 -9.45
C ARG B 193 3.47 -5.27 -10.28
N GLY B 194 4.60 -5.79 -9.82
CA GLY B 194 5.87 -5.65 -10.52
C GLY B 194 6.69 -4.43 -10.14
N GLN B 195 6.18 -3.54 -9.28
CA GLN B 195 6.83 -2.27 -8.99
C GLN B 195 7.27 -2.20 -7.54
N ALA B 196 8.53 -1.77 -7.33
CA ALA B 196 8.98 -1.39 -6.01
C ALA B 196 8.67 0.08 -5.68
N GLY B 197 8.53 0.92 -6.69
CA GLY B 197 8.14 2.29 -6.46
C GLY B 197 6.71 2.38 -5.96
N ARG B 198 6.36 3.57 -5.47
CA ARG B 198 4.97 3.84 -5.09
C ARG B 198 4.58 5.22 -5.57
N MET B 199 3.26 5.43 -5.64
CA MET B 199 2.68 6.69 -6.08
C MET B 199 1.45 6.93 -5.22
N ASN B 200 1.42 8.03 -4.47
CA ASN B 200 0.28 8.34 -3.63
C ASN B 200 -0.59 9.34 -4.37
N TYR B 201 -1.91 9.26 -4.15
CA TYR B 201 -2.89 10.08 -4.86
C TYR B 201 -3.65 10.97 -3.89
N TYR B 202 -3.89 12.21 -4.33
CA TYR B 202 -4.46 13.24 -3.49
C TYR B 202 -5.47 14.02 -4.30
N TRP B 203 -6.34 14.73 -3.60
CA TRP B 203 -7.37 15.50 -4.29
C TRP B 203 -7.86 16.62 -3.40
N THR B 204 -8.39 17.65 -4.05
CA THR B 204 -9.09 18.71 -3.33
C THR B 204 -10.14 19.30 -4.27
N LEU B 205 -11.07 20.05 -3.70
CA LEU B 205 -12.15 20.70 -4.44
C LEU B 205 -11.93 22.21 -4.44
N LEU B 206 -12.19 22.84 -5.58
CA LEU B 206 -12.10 24.29 -5.70
C LEU B 206 -13.48 24.86 -5.97
N GLU B 207 -13.99 25.67 -5.04
CA GLU B 207 -15.17 26.46 -5.33
C GLU B 207 -14.83 27.49 -6.41
N PRO B 208 -15.84 28.06 -7.06
CA PRO B 208 -15.57 29.13 -8.02
C PRO B 208 -14.76 30.27 -7.41
N GLY B 209 -13.72 30.71 -8.13
CA GLY B 209 -12.86 31.79 -7.68
C GLY B 209 -11.69 31.35 -6.81
N ASP B 210 -11.64 30.09 -6.41
CA ASP B 210 -10.49 29.58 -5.67
C ASP B 210 -9.36 29.22 -6.61
N THR B 211 -8.13 29.29 -6.10
CA THR B 211 -6.92 29.11 -6.90
C THR B 211 -6.08 28.00 -6.29
N ILE B 212 -5.60 27.09 -7.12
CA ILE B 212 -4.71 26.03 -6.65
C ILE B 212 -3.32 26.29 -7.22
N ILE B 213 -2.30 26.08 -6.40
CA ILE B 213 -0.92 26.34 -6.81
C ILE B 213 -0.09 25.10 -6.54
N PHE B 214 0.56 24.58 -7.58
CA PHE B 214 1.49 23.48 -7.48
C PHE B 214 2.91 24.01 -7.57
N GLU B 215 3.75 23.63 -6.63
CA GLU B 215 5.17 23.96 -6.66
C GLU B 215 5.95 22.68 -6.38
N ALA B 216 6.98 22.40 -7.19
CA ALA B 216 7.74 21.17 -6.99
C ALA B 216 9.10 21.25 -7.68
N ASN B 217 10.08 20.54 -7.13
CA ASN B 217 11.34 20.34 -7.84
C ASN B 217 11.59 18.86 -8.11
N GLY B 218 10.55 18.03 -8.04
CA GLY B 218 10.66 16.62 -8.35
C GLY B 218 9.41 15.88 -7.96
N ASN B 219 9.18 14.70 -8.53
CA ASN B 219 8.25 13.70 -7.99
C ASN B 219 6.77 14.09 -8.12
N LEU B 220 6.43 15.20 -8.76
CA LEU B 220 5.02 15.55 -8.92
C LEU B 220 4.39 14.82 -10.10
N ILE B 221 3.29 14.13 -9.83
CA ILE B 221 2.43 13.58 -10.86
C ILE B 221 1.34 14.61 -11.07
N ALA B 222 1.47 15.42 -12.12
CA ALA B 222 0.71 16.65 -12.24
C ALA B 222 -0.70 16.39 -12.75
N PRO B 223 -1.64 17.28 -12.42
CA PRO B 223 -2.95 17.24 -13.07
C PRO B 223 -2.82 17.44 -14.58
N TRP B 224 -3.51 16.60 -15.32
CA TRP B 224 -3.70 16.82 -16.75
C TRP B 224 -5.17 17.12 -17.04
N TYR B 225 -6.07 16.23 -16.66
CA TYR B 225 -7.50 16.50 -16.66
C TYR B 225 -8.01 16.57 -15.23
N ALA B 226 -9.01 17.44 -15.03
CA ALA B 226 -9.74 17.57 -13.78
C ALA B 226 -11.24 17.57 -14.10
N PHE B 227 -12.07 17.68 -13.07
CA PHE B 227 -13.51 17.52 -13.24
C PHE B 227 -14.28 18.71 -12.65
N ALA B 228 -15.22 19.23 -13.43
CA ALA B 228 -16.16 20.21 -12.93
C ALA B 228 -17.47 19.49 -12.63
N LEU B 229 -17.98 19.67 -11.42
CA LEU B 229 -19.19 18.97 -11.02
C LEU B 229 -20.15 19.88 -10.25
N SER B 230 -21.41 19.47 -10.23
CA SER B 230 -22.40 20.05 -9.33
C SER B 230 -23.23 18.91 -8.76
N ARG B 231 -23.73 19.13 -7.55
CA ARG B 231 -24.47 18.09 -6.83
C ARG B 231 -25.95 18.22 -7.05
#